data_5OP1
#
_entry.id   5OP1
#
_cell.length_a   55.916
_cell.length_b   102.866
_cell.length_c   50.277
_cell.angle_alpha   90.000
_cell.angle_beta   90.000
_cell.angle_gamma   90.000
#
_symmetry.space_group_name_H-M   'P 21 21 2'
#
loop_
_entity.id
_entity.type
_entity.pdbx_description
1 polymer 'DARPin A4'
2 polymer 'Lysozyme C'
3 non-polymer 'CHLORIDE ION'
4 water water
#
loop_
_entity_poly.entity_id
_entity_poly.type
_entity_poly.pdbx_seq_one_letter_code
_entity_poly.pdbx_strand_id
1 'polypeptide(L)'
;MRGSHHHHHHGSDLGKKLLEAARAGQDDEVRILMANGADVNANDEYGSTPLHLAALMGHLEIVEVLLKNGADVNAEDTVG
DTPLHLAASLGHLEIVEVLLKNGADVNAQDFVGATPLHLAANLGHLEIVEVLLKHGADVNAQDKFGKTAFDISIDNGNED
LAEILQKL
;
A
2 'polypeptide(L)'
;KVFGRCELAAAMKRHGLDNYRGYSLGNWVCAAKFESNFNTQATNRNTDGSTDYGILQINSRWWCNDGRTPGSRNLCNIPC
SALLSSDITASVNCAKKIVSDGNGMNAWVAWRNRCKGTDVQAWIRGCRL
;
B
#
loop_
_chem_comp.id
_chem_comp.type
_chem_comp.name
_chem_comp.formula
CL non-polymer 'CHLORIDE ION' 'Cl -1'
#
# COMPACT_ATOMS: atom_id res chain seq x y z
N ASP A 13 13.82 24.84 -4.09
CA ASP A 13 13.92 23.64 -3.26
C ASP A 13 12.68 23.49 -2.38
N LEU A 14 11.58 24.12 -2.80
CA LEU A 14 10.35 24.12 -1.99
C LEU A 14 9.51 22.87 -2.16
N GLY A 15 9.64 22.16 -3.29
CA GLY A 15 8.79 21.00 -3.53
C GLY A 15 8.95 19.93 -2.47
N LYS A 16 10.19 19.64 -2.08
CA LYS A 16 10.44 18.69 -1.00
C LYS A 16 9.77 19.11 0.30
N LYS A 17 9.66 20.42 0.55
CA LYS A 17 9.05 20.90 1.78
C LYS A 17 7.53 20.88 1.72
N LEU A 18 6.96 21.02 0.51
CA LEU A 18 5.51 20.89 0.36
C LEU A 18 5.05 19.45 0.52
N LEU A 19 5.86 18.49 0.07
CA LEU A 19 5.54 17.09 0.28
C LEU A 19 5.46 16.78 1.78
N GLU A 20 6.47 17.20 2.55
CA GLU A 20 6.45 16.99 3.99
C GLU A 20 5.23 17.62 4.63
N ALA A 21 4.91 18.86 4.23
CA ALA A 21 3.78 19.57 4.83
C ALA A 21 2.45 18.91 4.50
N ALA A 22 2.32 18.33 3.31
CA ALA A 22 1.06 17.69 2.92
C ALA A 22 0.82 16.41 3.71
N ARG A 23 1.84 15.55 3.83
CA ARG A 23 1.69 14.31 4.58
C ARG A 23 1.45 14.59 6.06
N ALA A 24 2.09 15.64 6.60
CA ALA A 24 2.03 15.93 8.02
C ALA A 24 0.77 16.67 8.45
N GLY A 25 -0.10 17.06 7.52
CA GLY A 25 -1.30 17.77 7.88
C GLY A 25 -1.12 19.22 8.29
N GLN A 26 -0.04 19.86 7.85
CA GLN A 26 0.24 21.27 8.18
C GLN A 26 -0.61 22.16 7.27
N ASP A 27 -1.88 22.33 7.68
CA ASP A 27 -2.82 23.12 6.87
C ASP A 27 -2.29 24.52 6.59
N ASP A 28 -1.65 25.15 7.58
CA ASP A 28 -1.18 26.53 7.41
C ASP A 28 0.10 26.59 6.59
N GLU A 29 1.02 25.65 6.80
CA GLU A 29 2.27 25.64 6.05
C GLU A 29 2.05 25.25 4.59
N VAL A 30 0.96 24.57 4.28
CA VAL A 30 0.66 24.24 2.89
C VAL A 30 0.27 25.48 2.12
N ARG A 31 -0.50 26.37 2.75
CA ARG A 31 -0.87 27.63 2.11
C ARG A 31 0.34 28.49 1.81
N ILE A 32 1.23 28.65 2.81
CA ILE A 32 2.37 29.54 2.67
C ILE A 32 3.31 29.04 1.57
N LEU A 33 3.58 27.73 1.55
CA LEU A 33 4.43 27.18 0.49
C LEU A 33 3.79 27.33 -0.87
N MET A 34 2.45 27.26 -0.94
CA MET A 34 1.78 27.38 -2.23
C MET A 34 1.93 28.78 -2.82
N ALA A 35 1.62 29.81 -2.03
CA ALA A 35 1.70 31.17 -2.51
C ALA A 35 3.12 31.54 -2.96
N ASN A 36 4.13 30.92 -2.35
CA ASN A 36 5.52 31.20 -2.69
C ASN A 36 6.03 30.34 -3.84
N GLY A 37 5.14 29.90 -4.73
CA GLY A 37 5.54 29.23 -5.95
C GLY A 37 6.14 27.85 -5.79
N ALA A 38 5.64 27.06 -4.84
CA ALA A 38 6.10 25.69 -4.69
C ALA A 38 5.34 24.78 -5.66
N ASP A 39 6.08 23.86 -6.27
CA ASP A 39 5.53 22.95 -7.26
C ASP A 39 4.47 22.03 -6.65
N VAL A 40 3.21 22.24 -7.02
CA VAL A 40 2.12 21.46 -6.43
C VAL A 40 2.12 20.01 -6.86
N ASN A 41 3.00 19.61 -7.79
CA ASN A 41 3.07 18.25 -8.29
C ASN A 41 4.45 17.64 -8.06
N ALA A 42 5.12 18.03 -6.99
CA ALA A 42 6.43 17.46 -6.68
C ALA A 42 6.30 15.98 -6.35
N ASN A 43 7.36 15.23 -6.64
CA ASN A 43 7.41 13.79 -6.41
C ASN A 43 8.48 13.48 -5.38
N ASP A 44 8.21 12.49 -4.52
CA ASP A 44 9.19 12.03 -3.55
C ASP A 44 9.82 10.74 -4.05
N GLU A 45 10.49 10.01 -3.16
CA GLU A 45 11.17 8.77 -3.52
C GLU A 45 10.21 7.75 -4.12
N TYR A 46 8.97 7.72 -3.64
CA TYR A 46 7.98 6.73 -4.03
C TYR A 46 7.10 7.20 -5.18
N GLY A 47 7.39 8.37 -5.74
CA GLY A 47 6.56 8.92 -6.80
C GLY A 47 5.28 9.55 -6.33
N SER A 48 5.15 9.84 -5.04
CA SER A 48 3.95 10.44 -4.49
C SER A 48 3.95 11.95 -4.73
N THR A 49 2.78 12.48 -5.08
CA THR A 49 2.55 13.91 -5.11
C THR A 49 1.99 14.37 -3.77
N PRO A 50 2.01 15.68 -3.48
CA PRO A 50 1.35 16.15 -2.25
C PRO A 50 -0.08 15.67 -2.11
N LEU A 51 -0.82 15.58 -3.21
CA LEU A 51 -2.19 15.08 -3.14
C LEU A 51 -2.23 13.59 -2.79
N HIS A 52 -1.25 12.81 -3.23
CA HIS A 52 -1.14 11.42 -2.77
C HIS A 52 -1.04 11.36 -1.26
N LEU A 53 -0.07 12.09 -0.70
CA LEU A 53 0.21 12.01 0.73
C LEU A 53 -0.93 12.55 1.57
N ALA A 54 -1.62 13.58 1.10
CA ALA A 54 -2.73 14.15 1.85
C ALA A 54 -3.90 13.18 1.93
N ALA A 55 -4.16 12.46 0.83
CA ALA A 55 -5.21 11.44 0.84
C ALA A 55 -4.79 10.23 1.67
N LEU A 56 -3.50 9.87 1.61
CA LEU A 56 -3.01 8.74 2.40
C LEU A 56 -3.20 8.97 3.89
N MET A 57 -2.89 10.18 4.37
CA MET A 57 -2.96 10.49 5.78
C MET A 57 -4.29 11.11 6.21
N GLY A 58 -5.27 11.16 5.30
CA GLY A 58 -6.61 11.60 5.66
C GLY A 58 -6.78 13.07 5.94
N HIS A 59 -6.00 13.93 5.29
CA HIS A 59 -6.05 15.38 5.52
C HIS A 59 -6.98 16.01 4.48
N LEU A 60 -8.26 16.07 4.82
CA LEU A 60 -9.27 16.52 3.86
C LEU A 60 -9.01 17.95 3.41
N GLU A 61 -8.72 18.85 4.36
CA GLU A 61 -8.59 20.27 4.03
C GLU A 61 -7.40 20.52 3.11
N ILE A 62 -6.28 19.82 3.34
CA ILE A 62 -5.13 19.96 2.46
C ILE A 62 -5.45 19.39 1.08
N VAL A 63 -6.33 18.39 1.00
CA VAL A 63 -6.70 17.82 -0.29
C VAL A 63 -7.41 18.85 -1.16
N GLU A 64 -8.34 19.60 -0.57
CA GLU A 64 -9.07 20.62 -1.33
C GLU A 64 -8.15 21.75 -1.77
N VAL A 65 -7.26 22.19 -0.88
CA VAL A 65 -6.34 23.28 -1.22
C VAL A 65 -5.43 22.87 -2.38
N LEU A 66 -4.94 21.64 -2.38
CA LEU A 66 -4.11 21.17 -3.48
C LEU A 66 -4.89 21.11 -4.78
N LEU A 67 -6.16 20.73 -4.71
CA LEU A 67 -6.99 20.70 -5.91
C LEU A 67 -7.25 22.11 -6.44
N LYS A 68 -7.54 23.07 -5.55
CA LYS A 68 -7.73 24.45 -5.97
C LYS A 68 -6.51 24.98 -6.70
N ASN A 69 -5.32 24.59 -6.26
CA ASN A 69 -4.08 25.06 -6.85
C ASN A 69 -3.61 24.19 -8.02
N GLY A 70 -4.50 23.36 -8.57
CA GLY A 70 -4.19 22.65 -9.80
C GLY A 70 -3.40 21.37 -9.66
N ALA A 71 -3.59 20.63 -8.57
CA ALA A 71 -2.93 19.33 -8.44
C ALA A 71 -3.56 18.34 -9.41
N ASP A 72 -2.72 17.47 -9.97
CA ASP A 72 -3.21 16.42 -10.87
C ASP A 72 -4.03 15.42 -10.04
N VAL A 73 -5.34 15.38 -10.28
CA VAL A 73 -6.22 14.51 -9.52
C VAL A 73 -6.01 13.04 -9.83
N ASN A 74 -5.39 12.70 -10.97
CA ASN A 74 -5.18 11.31 -11.36
C ASN A 74 -3.70 10.96 -11.45
N ALA A 75 -2.83 11.70 -10.78
CA ALA A 75 -1.41 11.41 -10.80
C ALA A 75 -1.14 10.03 -10.23
N GLU A 76 -0.23 9.30 -10.86
CA GLU A 76 0.11 7.94 -10.48
C GLU A 76 1.51 7.92 -9.87
N ASP A 77 1.68 7.15 -8.79
CA ASP A 77 2.97 6.99 -8.17
C ASP A 77 3.75 5.88 -8.88
N THR A 78 4.86 5.44 -8.29
CA THR A 78 5.72 4.46 -8.94
C THR A 78 5.05 3.11 -9.15
N VAL A 79 3.94 2.82 -8.46
CA VAL A 79 3.22 1.57 -8.64
C VAL A 79 1.89 1.79 -9.35
N GLY A 80 1.64 3.01 -9.84
CA GLY A 80 0.43 3.30 -10.59
C GLY A 80 -0.77 3.64 -9.75
N ASP A 81 -0.60 3.92 -8.46
CA ASP A 81 -1.73 4.26 -7.60
C ASP A 81 -2.07 5.73 -7.74
N THR A 82 -3.36 6.03 -7.86
CA THR A 82 -3.87 7.38 -7.83
C THR A 82 -4.24 7.77 -6.40
N PRO A 83 -4.41 9.07 -6.12
CA PRO A 83 -4.91 9.44 -4.78
C PRO A 83 -6.23 8.78 -4.40
N LEU A 84 -7.10 8.48 -5.37
CA LEU A 84 -8.35 7.81 -5.05
C LEU A 84 -8.11 6.38 -4.59
N HIS A 85 -7.10 5.71 -5.16
CA HIS A 85 -6.71 4.40 -4.66
C HIS A 85 -6.43 4.46 -3.16
N LEU A 86 -5.58 5.41 -2.75
CA LEU A 86 -5.15 5.48 -1.36
C LEU A 86 -6.29 5.90 -0.44
N ALA A 87 -7.11 6.86 -0.86
CA ALA A 87 -8.22 7.30 -0.01
C ALA A 87 -9.25 6.19 0.15
N ALA A 88 -9.54 5.45 -0.92
CA ALA A 88 -10.53 4.38 -0.83
C ALA A 88 -10.05 3.25 0.06
N SER A 89 -8.76 2.94 0.00
CA SER A 89 -8.25 1.81 0.78
C SER A 89 -8.14 2.15 2.26
N LEU A 90 -7.86 3.42 2.59
CA LEU A 90 -7.76 3.84 3.98
C LEU A 90 -9.11 4.20 4.60
N GLY A 91 -10.18 4.20 3.81
CA GLY A 91 -11.51 4.44 4.36
C GLY A 91 -11.87 5.89 4.58
N HIS A 92 -11.21 6.82 3.89
CA HIS A 92 -11.45 8.26 4.09
C HIS A 92 -12.58 8.68 3.15
N LEU A 93 -13.81 8.56 3.65
CA LEU A 93 -14.99 8.77 2.80
C LEU A 93 -15.08 10.21 2.31
N GLU A 94 -14.82 11.17 3.19
CA GLU A 94 -14.88 12.58 2.79
C GLU A 94 -13.96 12.84 1.60
N ILE A 95 -12.75 12.32 1.66
CA ILE A 95 -11.76 12.59 0.62
C ILE A 95 -12.16 11.89 -0.68
N VAL A 96 -12.76 10.71 -0.58
CA VAL A 96 -13.13 9.97 -1.79
C VAL A 96 -14.12 10.76 -2.62
N GLU A 97 -15.10 11.39 -1.97
CA GLU A 97 -16.09 12.17 -2.71
C GLU A 97 -15.47 13.43 -3.30
N VAL A 98 -14.64 14.13 -2.53
CA VAL A 98 -13.94 15.31 -3.05
C VAL A 98 -13.10 14.92 -4.26
N LEU A 99 -12.46 13.76 -4.20
CA LEU A 99 -11.67 13.31 -5.36
C LEU A 99 -12.57 12.99 -6.54
N LEU A 100 -13.70 12.33 -6.30
CA LEU A 100 -14.61 11.99 -7.40
C LEU A 100 -15.18 13.23 -8.05
N LYS A 101 -15.70 14.17 -7.24
CA LYS A 101 -16.30 15.38 -7.78
C LYS A 101 -15.30 16.25 -8.54
N ASN A 102 -14.00 16.02 -8.35
CA ASN A 102 -12.97 16.76 -9.06
C ASN A 102 -12.33 15.97 -10.20
N GLY A 103 -13.02 14.94 -10.68
CA GLY A 103 -12.58 14.24 -11.88
C GLY A 103 -11.65 13.07 -11.68
N ALA A 104 -11.74 12.36 -10.56
CA ALA A 104 -10.93 11.17 -10.35
C ALA A 104 -11.53 9.97 -11.07
N ASP A 105 -10.67 9.21 -11.75
CA ASP A 105 -11.10 7.99 -12.44
C ASP A 105 -11.49 6.94 -11.41
N VAL A 106 -12.79 6.64 -11.33
CA VAL A 106 -13.28 5.65 -10.38
C VAL A 106 -12.84 4.23 -10.76
N ASN A 107 -12.39 4.03 -12.00
CA ASN A 107 -12.01 2.69 -12.45
C ASN A 107 -10.55 2.64 -12.86
N ALA A 108 -9.73 3.53 -12.28
CA ALA A 108 -8.31 3.51 -12.54
C ALA A 108 -7.68 2.23 -11.99
N GLN A 109 -6.79 1.64 -12.77
CA GLN A 109 -6.08 0.43 -12.38
C GLN A 109 -4.59 0.75 -12.25
N ASP A 110 -3.98 0.27 -11.17
CA ASP A 110 -2.56 0.48 -10.96
C ASP A 110 -1.77 -0.62 -11.68
N PHE A 111 -0.49 -0.76 -11.35
CA PHE A 111 0.36 -1.70 -12.07
C PHE A 111 -0.04 -3.15 -11.84
N VAL A 112 -0.65 -3.48 -10.70
CA VAL A 112 -1.14 -4.83 -10.45
C VAL A 112 -2.61 -4.98 -10.83
N GLY A 113 -3.17 -3.99 -11.54
CA GLY A 113 -4.53 -4.09 -12.02
C GLY A 113 -5.61 -3.84 -10.99
N ALA A 114 -5.27 -3.35 -9.82
CA ALA A 114 -6.26 -3.09 -8.78
C ALA A 114 -6.95 -1.75 -9.01
N THR A 115 -8.25 -1.74 -8.84
CA THR A 115 -9.07 -0.54 -8.88
C THR A 115 -9.33 -0.03 -7.46
N PRO A 116 -9.84 1.20 -7.31
CA PRO A 116 -10.29 1.64 -5.98
C PRO A 116 -11.28 0.67 -5.35
N LEU A 117 -12.16 0.06 -6.14
CA LEU A 117 -13.11 -0.90 -5.60
C LEU A 117 -12.40 -2.10 -4.98
N HIS A 118 -11.30 -2.56 -5.60
CA HIS A 118 -10.53 -3.65 -5.02
C HIS A 118 -9.96 -3.27 -3.67
N LEU A 119 -9.40 -2.07 -3.57
CA LEU A 119 -8.68 -1.67 -2.36
C LEU A 119 -9.65 -1.42 -1.20
N ALA A 120 -10.79 -0.81 -1.47
CA ALA A 120 -11.78 -0.61 -0.41
C ALA A 120 -12.38 -1.94 0.02
N ALA A 121 -12.63 -2.84 -0.93
CA ALA A 121 -13.20 -4.14 -0.59
C ALA A 121 -12.23 -4.96 0.27
N ASN A 122 -10.92 -4.87 -0.03
CA ASN A 122 -9.95 -5.66 0.71
C ASN A 122 -9.97 -5.30 2.19
N LEU A 123 -10.24 -4.04 2.53
CA LEU A 123 -10.25 -3.60 3.92
C LEU A 123 -11.66 -3.40 4.45
N GLY A 124 -12.66 -3.97 3.80
CA GLY A 124 -14.01 -4.01 4.34
C GLY A 124 -14.65 -2.65 4.59
N HIS A 125 -14.37 -1.66 3.76
CA HIS A 125 -14.96 -0.33 3.90
C HIS A 125 -16.28 -0.31 3.12
N LEU A 126 -17.35 -0.71 3.79
CA LEU A 126 -18.65 -0.85 3.13
C LEU A 126 -19.13 0.47 2.54
N GLU A 127 -19.11 1.55 3.32
CA GLU A 127 -19.63 2.83 2.86
C GLU A 127 -18.89 3.33 1.62
N ILE A 128 -17.57 3.09 1.57
CA ILE A 128 -16.79 3.55 0.42
C ILE A 128 -17.07 2.69 -0.80
N VAL A 129 -17.26 1.38 -0.61
CA VAL A 129 -17.63 0.51 -1.73
C VAL A 129 -18.94 0.97 -2.34
N GLU A 130 -19.92 1.31 -1.50
CA GLU A 130 -21.24 1.73 -2.01
C GLU A 130 -21.14 3.04 -2.79
N VAL A 131 -20.33 3.97 -2.30
CA VAL A 131 -20.15 5.23 -3.03
C VAL A 131 -19.47 4.98 -4.37
N LEU A 132 -18.46 4.11 -4.39
CA LEU A 132 -17.78 3.79 -5.64
C LEU A 132 -18.72 3.11 -6.62
N LEU A 133 -19.53 2.16 -6.14
CA LEU A 133 -20.53 1.53 -7.00
C LEU A 133 -21.48 2.56 -7.58
N LYS A 134 -21.93 3.53 -6.76
CA LYS A 134 -22.82 4.57 -7.23
C LYS A 134 -22.20 5.36 -8.38
N HIS A 135 -20.88 5.60 -8.31
CA HIS A 135 -20.18 6.34 -9.34
C HIS A 135 -19.65 5.45 -10.47
N GLY A 136 -20.21 4.25 -10.62
CA GLY A 136 -19.92 3.42 -11.76
C GLY A 136 -18.73 2.50 -11.61
N ALA A 137 -18.44 2.03 -10.40
CA ALA A 137 -17.36 1.07 -10.21
C ALA A 137 -17.67 -0.21 -10.96
N ASP A 138 -16.66 -0.74 -11.66
CA ASP A 138 -16.81 -1.93 -12.48
C ASP A 138 -16.60 -3.16 -11.60
N VAL A 139 -17.67 -3.91 -11.34
CA VAL A 139 -17.58 -5.08 -10.48
C VAL A 139 -16.91 -6.26 -11.17
N ASN A 140 -16.73 -6.20 -12.48
CA ASN A 140 -16.09 -7.28 -13.21
C ASN A 140 -14.59 -7.05 -13.42
N ALA A 141 -14.08 -5.89 -13.05
CA ALA A 141 -12.65 -5.62 -13.18
C ALA A 141 -11.84 -6.62 -12.37
N GLN A 142 -10.68 -7.00 -12.89
CA GLN A 142 -9.81 -7.99 -12.26
C GLN A 142 -8.41 -7.41 -12.12
N ASP A 143 -7.77 -7.69 -11.00
CA ASP A 143 -6.34 -7.44 -10.91
C ASP A 143 -5.58 -8.46 -11.75
N LYS A 144 -4.25 -8.39 -11.73
CA LYS A 144 -3.44 -9.30 -12.53
C LYS A 144 -3.57 -10.74 -12.09
N PHE A 145 -4.19 -11.01 -10.95
CA PHE A 145 -4.38 -12.37 -10.46
C PHE A 145 -5.77 -12.91 -10.76
N GLY A 146 -6.58 -12.16 -11.51
CA GLY A 146 -7.88 -12.64 -11.90
C GLY A 146 -8.97 -12.48 -10.87
N LYS A 147 -8.77 -11.61 -9.87
CA LYS A 147 -9.69 -11.44 -8.76
C LYS A 147 -10.54 -10.20 -8.95
N THR A 148 -11.85 -10.35 -8.74
CA THR A 148 -12.77 -9.23 -8.66
C THR A 148 -12.91 -8.79 -7.20
N ALA A 149 -13.63 -7.70 -6.99
CA ALA A 149 -13.91 -7.26 -5.62
C ALA A 149 -14.72 -8.30 -4.87
N PHE A 150 -15.63 -8.99 -5.57
CA PHE A 150 -16.39 -10.08 -4.97
C PHE A 150 -15.47 -11.19 -4.48
N ASP A 151 -14.51 -11.60 -5.31
CA ASP A 151 -13.60 -12.65 -4.91
C ASP A 151 -12.83 -12.25 -3.66
N ILE A 152 -12.43 -10.99 -3.56
CA ILE A 152 -11.69 -10.51 -2.41
C ILE A 152 -12.55 -10.61 -1.15
N SER A 153 -13.82 -10.21 -1.24
CA SER A 153 -14.70 -10.30 -0.08
C SER A 153 -14.89 -11.73 0.38
N ILE A 154 -14.93 -12.68 -0.57
CA ILE A 154 -15.08 -14.09 -0.20
C ILE A 154 -13.80 -14.60 0.47
N ASP A 155 -12.64 -14.23 -0.06
CA ASP A 155 -11.37 -14.66 0.54
C ASP A 155 -11.26 -14.18 1.98
N ASN A 156 -11.71 -12.96 2.25
CA ASN A 156 -11.67 -12.41 3.59
C ASN A 156 -12.90 -12.78 4.42
N GLY A 157 -13.77 -13.63 3.88
CA GLY A 157 -14.97 -14.06 4.59
C GLY A 157 -15.84 -12.93 5.09
N ASN A 158 -15.98 -11.86 4.31
CA ASN A 158 -16.76 -10.68 4.70
C ASN A 158 -18.14 -10.81 4.05
N GLU A 159 -19.10 -11.35 4.82
CA GLU A 159 -20.42 -11.62 4.26
C GLU A 159 -21.19 -10.33 3.97
N ASP A 160 -21.09 -9.33 4.85
CA ASP A 160 -21.77 -8.07 4.62
C ASP A 160 -21.27 -7.40 3.35
N LEU A 161 -19.96 -7.43 3.12
CA LEU A 161 -19.42 -6.87 1.89
C LEU A 161 -19.84 -7.67 0.66
N ALA A 162 -19.88 -9.00 0.78
CA ALA A 162 -20.33 -9.83 -0.33
C ALA A 162 -21.74 -9.46 -0.75
N GLU A 163 -22.64 -9.23 0.22
CA GLU A 163 -24.00 -8.85 -0.10
C GLU A 163 -24.06 -7.53 -0.84
N ILE A 164 -23.28 -6.54 -0.39
CA ILE A 164 -23.21 -5.25 -1.09
C ILE A 164 -22.84 -5.47 -2.55
N LEU A 165 -21.79 -6.25 -2.80
CA LEU A 165 -21.28 -6.44 -4.15
C LEU A 165 -22.16 -7.35 -4.99
N GLN A 166 -23.04 -8.13 -4.36
CA GLN A 166 -23.93 -9.02 -5.10
C GLN A 166 -25.16 -8.31 -5.66
N LYS A 167 -25.19 -6.99 -5.63
CA LYS A 167 -26.30 -6.21 -6.18
C LYS A 167 -25.94 -4.75 -6.34
N LYS B 1 2.00 -18.36 -5.29
CA LYS B 1 0.82 -18.28 -4.42
C LYS B 1 0.53 -16.84 -4.05
N VAL B 2 -0.73 -16.45 -4.15
CA VAL B 2 -1.18 -15.12 -3.75
C VAL B 2 -2.07 -15.27 -2.52
N PHE B 3 -1.58 -14.77 -1.39
CA PHE B 3 -2.33 -14.82 -0.14
C PHE B 3 -3.52 -13.88 -0.18
N GLY B 4 -4.58 -14.27 0.50
CA GLY B 4 -5.56 -13.30 0.93
C GLY B 4 -5.07 -12.56 2.15
N ARG B 5 -5.65 -11.38 2.39
CA ARG B 5 -5.18 -10.54 3.49
C ARG B 5 -5.24 -11.28 4.83
N CYS B 6 -6.44 -11.79 5.16
CA CYS B 6 -6.61 -12.49 6.43
C CYS B 6 -5.82 -13.79 6.47
N GLU B 7 -5.70 -14.46 5.32
CA GLU B 7 -4.93 -15.70 5.27
C GLU B 7 -3.47 -15.44 5.61
N LEU B 8 -2.90 -14.36 5.09
CA LEU B 8 -1.50 -14.03 5.40
C LEU B 8 -1.35 -13.53 6.83
N ALA B 9 -2.33 -12.79 7.34
CA ALA B 9 -2.29 -12.39 8.74
C ALA B 9 -2.22 -13.60 9.66
N ALA B 10 -3.05 -14.61 9.38
CA ALA B 10 -3.04 -15.82 10.19
C ALA B 10 -1.72 -16.57 10.05
N ALA B 11 -1.16 -16.63 8.84
CA ALA B 11 0.11 -17.31 8.64
C ALA B 11 1.26 -16.55 9.30
N MET B 12 1.26 -15.22 9.18
CA MET B 12 2.29 -14.43 9.87
C MET B 12 2.19 -14.59 11.38
N LYS B 13 0.97 -14.71 11.90
CA LYS B 13 0.79 -14.95 13.33
C LYS B 13 1.43 -16.28 13.74
N ARG B 14 1.28 -17.32 12.91
CA ARG B 14 1.87 -18.62 13.25
C ARG B 14 3.39 -18.56 13.26
N HIS B 15 3.98 -17.65 12.49
CA HIS B 15 5.43 -17.56 12.35
C HIS B 15 6.05 -16.51 13.29
N GLY B 16 5.31 -16.07 14.31
CA GLY B 16 5.90 -15.21 15.31
C GLY B 16 5.97 -13.75 14.94
N LEU B 17 4.93 -13.20 14.30
CA LEU B 17 4.94 -11.81 13.90
C LEU B 17 3.87 -10.97 14.59
N ASP B 18 3.08 -11.55 15.51
CA ASP B 18 2.20 -10.75 16.34
C ASP B 18 2.77 -10.54 17.73
N ASN B 19 4.04 -10.90 17.94
CA ASN B 19 4.67 -10.73 19.24
C ASN B 19 6.16 -10.46 19.08
N TYR B 20 6.54 -9.72 18.04
CA TYR B 20 7.95 -9.50 17.72
C TYR B 20 8.30 -8.02 17.90
N ARG B 21 8.98 -7.71 19.00
CA ARG B 21 9.66 -6.43 19.22
C ARG B 21 8.72 -5.23 19.16
N GLY B 22 7.44 -5.44 19.45
CA GLY B 22 6.46 -4.37 19.40
C GLY B 22 5.94 -4.05 18.01
N TYR B 23 6.46 -4.69 16.97
CA TYR B 23 5.98 -4.50 15.61
C TYR B 23 4.70 -5.31 15.46
N SER B 24 3.56 -4.69 15.77
CA SER B 24 2.29 -5.40 15.76
C SER B 24 2.01 -5.98 14.39
N LEU B 25 1.15 -7.01 14.37
CA LEU B 25 0.96 -7.83 13.17
C LEU B 25 0.52 -6.99 11.97
N GLY B 26 -0.35 -6.00 12.18
CA GLY B 26 -0.83 -5.19 11.08
C GLY B 26 0.29 -4.52 10.29
N ASN B 27 1.38 -4.16 10.96
CA ASN B 27 2.52 -3.57 10.26
C ASN B 27 3.04 -4.50 9.19
N TRP B 28 3.09 -5.80 9.48
CA TRP B 28 3.68 -6.76 8.56
C TRP B 28 2.75 -7.08 7.41
N VAL B 29 1.45 -7.18 7.67
CA VAL B 29 0.49 -7.44 6.59
C VAL B 29 0.44 -6.25 5.65
N CYS B 30 0.46 -5.04 6.20
CA CYS B 30 0.48 -3.86 5.36
C CYS B 30 1.75 -3.81 4.52
N ALA B 31 2.90 -4.14 5.11
CA ALA B 31 4.15 -4.09 4.38
C ALA B 31 4.16 -5.11 3.24
N ALA B 32 3.68 -6.32 3.49
CA ALA B 32 3.64 -7.32 2.43
C ALA B 32 2.71 -6.91 1.29
N LYS B 33 1.64 -6.18 1.61
CA LYS B 33 0.72 -5.73 0.57
C LYS B 33 1.41 -4.79 -0.40
N PHE B 34 2.13 -3.78 0.12
CA PHE B 34 2.76 -2.80 -0.74
C PHE B 34 4.12 -3.23 -1.26
N GLU B 35 4.72 -4.27 -0.67
CA GLU B 35 5.94 -4.84 -1.25
C GLU B 35 5.62 -5.75 -2.42
N SER B 36 4.73 -6.72 -2.23
CA SER B 36 4.52 -7.79 -3.19
C SER B 36 3.07 -8.01 -3.58
N ASN B 37 2.13 -7.24 -3.04
CA ASN B 37 0.71 -7.47 -3.27
C ASN B 37 0.32 -8.90 -2.92
N PHE B 38 0.90 -9.39 -1.83
CA PHE B 38 0.62 -10.70 -1.23
C PHE B 38 1.08 -11.86 -2.12
N ASN B 39 1.94 -11.59 -3.08
CA ASN B 39 2.40 -12.60 -4.02
C ASN B 39 3.78 -13.09 -3.60
N THR B 40 3.84 -14.36 -3.18
CA THR B 40 5.13 -14.95 -2.82
C THR B 40 6.05 -15.13 -4.01
N GLN B 41 5.52 -15.05 -5.23
CA GLN B 41 6.32 -15.21 -6.44
C GLN B 41 6.95 -13.91 -6.92
N ALA B 42 6.57 -12.77 -6.34
CA ALA B 42 6.99 -11.47 -6.86
C ALA B 42 8.52 -11.36 -6.90
N THR B 43 9.04 -10.90 -8.03
CA THR B 43 10.47 -10.67 -8.24
C THR B 43 10.62 -9.42 -9.09
N ASN B 44 11.41 -8.47 -8.60
CA ASN B 44 11.61 -7.22 -9.33
C ASN B 44 13.10 -6.90 -9.32
N ARG B 45 13.68 -6.79 -10.52
CA ARG B 45 15.10 -6.50 -10.66
C ARG B 45 15.34 -5.00 -10.46
N ASN B 46 16.28 -4.69 -9.58
CA ASN B 46 16.62 -3.30 -9.28
C ASN B 46 17.53 -2.72 -10.35
N THR B 47 17.64 -1.39 -10.34
CA THR B 47 18.46 -0.67 -11.31
C THR B 47 19.95 -0.92 -11.12
N ASP B 48 20.37 -1.53 -10.01
CA ASP B 48 21.79 -1.76 -9.74
C ASP B 48 22.23 -3.18 -10.05
N GLY B 49 21.36 -4.00 -10.63
CA GLY B 49 21.65 -5.38 -10.94
C GLY B 49 21.14 -6.38 -9.94
N SER B 50 20.82 -5.95 -8.72
CA SER B 50 20.25 -6.83 -7.71
C SER B 50 18.76 -7.03 -7.98
N THR B 51 18.16 -7.97 -7.23
CA THR B 51 16.77 -8.34 -7.41
C THR B 51 16.09 -8.48 -6.06
N ASP B 52 14.83 -8.05 -5.98
CA ASP B 52 14.02 -8.21 -4.78
C ASP B 52 13.13 -9.44 -4.93
N TYR B 53 13.19 -10.35 -3.96
CA TYR B 53 12.52 -11.64 -4.05
C TYR B 53 11.46 -11.77 -2.96
N GLY B 54 10.32 -12.37 -3.32
CA GLY B 54 9.40 -12.88 -2.33
C GLY B 54 8.35 -11.90 -1.87
N ILE B 55 7.63 -12.34 -0.82
CA ILE B 55 6.45 -11.61 -0.36
C ILE B 55 6.81 -10.33 0.37
N LEU B 56 8.04 -10.23 0.86
CA LEU B 56 8.53 -9.00 1.49
C LEU B 56 9.64 -8.36 0.68
N GLN B 57 9.88 -8.82 -0.54
CA GLN B 57 10.80 -8.19 -1.49
C GLN B 57 12.18 -7.97 -0.87
N ILE B 58 12.78 -9.07 -0.44
CA ILE B 58 14.08 -9.04 0.21
C ILE B 58 15.17 -8.92 -0.86
N ASN B 59 16.11 -8.00 -0.65
CA ASN B 59 17.08 -7.62 -1.67
C ASN B 59 18.25 -8.60 -1.71
N SER B 60 18.71 -8.92 -2.93
CA SER B 60 19.71 -9.95 -3.13
C SER B 60 21.14 -9.45 -2.98
N ARG B 61 21.36 -8.13 -2.90
CA ARG B 61 22.72 -7.65 -2.69
C ARG B 61 23.22 -7.99 -1.30
N TRP B 62 22.34 -7.92 -0.30
CA TRP B 62 22.74 -7.99 1.09
C TRP B 62 22.30 -9.25 1.80
N TRP B 63 21.12 -9.80 1.48
CA TRP B 63 20.48 -10.74 2.39
C TRP B 63 20.37 -12.16 1.87
N CYS B 64 20.53 -12.40 0.57
CA CYS B 64 20.47 -13.76 0.07
C CYS B 64 21.40 -13.90 -1.12
N ASN B 65 21.56 -15.14 -1.58
CA ASN B 65 22.54 -15.49 -2.60
C ASN B 65 21.79 -15.99 -3.84
N ASP B 66 21.96 -15.28 -4.95
CA ASP B 66 21.28 -15.63 -6.20
C ASP B 66 22.23 -16.04 -7.31
N GLY B 67 23.54 -15.98 -7.08
CA GLY B 67 24.51 -16.37 -8.08
C GLY B 67 24.64 -15.44 -9.27
N ARG B 68 24.06 -14.24 -9.22
CA ARG B 68 24.23 -13.27 -10.30
C ARG B 68 24.14 -11.85 -9.75
N THR B 69 24.92 -11.55 -8.72
CA THR B 69 24.90 -10.23 -8.09
C THR B 69 26.30 -9.67 -7.88
N SER B 72 27.71 -10.75 -2.51
CA SER B 72 27.98 -12.06 -1.94
C SER B 72 27.88 -12.03 -0.42
N ARG B 73 27.00 -11.18 0.10
CA ARG B 73 26.89 -11.01 1.55
C ARG B 73 26.07 -12.14 2.18
N ASN B 74 24.86 -12.39 1.66
CA ASN B 74 24.00 -13.49 2.11
C ASN B 74 23.83 -13.49 3.63
N LEU B 75 23.45 -12.33 4.18
CA LEU B 75 23.37 -12.17 5.62
C LEU B 75 22.25 -13.01 6.25
N CYS B 76 21.27 -13.43 5.47
CA CYS B 76 20.26 -14.37 5.94
C CYS B 76 20.64 -15.83 5.69
N ASN B 77 21.81 -16.08 5.10
CA ASN B 77 22.34 -17.42 4.87
C ASN B 77 21.30 -18.30 4.17
N ILE B 78 20.87 -17.83 3.00
CA ILE B 78 19.76 -18.47 2.31
C ILE B 78 19.90 -18.16 0.82
N PRO B 79 19.59 -19.10 -0.06
CA PRO B 79 19.49 -18.76 -1.48
C PRO B 79 18.23 -17.95 -1.74
N CYS B 80 18.34 -16.97 -2.63
CA CYS B 80 17.20 -16.10 -2.88
C CYS B 80 16.01 -16.87 -3.39
N SER B 81 16.25 -17.97 -4.11
CA SER B 81 15.15 -18.81 -4.58
C SER B 81 14.31 -19.33 -3.43
N ALA B 82 14.92 -19.52 -2.25
CA ALA B 82 14.19 -20.04 -1.10
C ALA B 82 13.16 -19.05 -0.56
N LEU B 83 13.22 -17.79 -0.97
CA LEU B 83 12.25 -16.78 -0.56
C LEU B 83 11.03 -16.73 -1.46
N LEU B 84 10.86 -17.71 -2.36
CA LEU B 84 9.81 -17.68 -3.35
C LEU B 84 8.75 -18.77 -3.18
N SER B 85 8.88 -19.62 -2.17
CA SER B 85 7.93 -20.72 -2.04
C SER B 85 6.65 -20.25 -1.34
N SER B 86 5.62 -21.10 -1.42
CA SER B 86 4.34 -20.81 -0.78
C SER B 86 4.41 -20.90 0.74
N ASP B 87 5.51 -21.39 1.30
CA ASP B 87 5.75 -21.37 2.73
C ASP B 87 6.60 -20.15 3.07
N ILE B 88 6.13 -19.33 4.01
CA ILE B 88 6.70 -18.01 4.23
C ILE B 88 7.74 -18.04 5.35
N THR B 89 8.15 -19.23 5.77
CA THR B 89 9.10 -19.34 6.88
C THR B 89 10.40 -18.61 6.57
N ALA B 90 10.97 -18.86 5.39
CA ALA B 90 12.26 -18.27 5.04
C ALA B 90 12.17 -16.74 5.00
N SER B 91 11.14 -16.20 4.35
CA SER B 91 11.03 -14.75 4.23
C SER B 91 10.84 -14.10 5.60
N VAL B 92 10.08 -14.74 6.49
CA VAL B 92 9.82 -14.17 7.81
C VAL B 92 11.10 -14.14 8.64
N ASN B 93 11.81 -15.27 8.70
CA ASN B 93 13.04 -15.31 9.48
C ASN B 93 14.06 -14.31 8.96
N CYS B 94 14.16 -14.17 7.64
CA CYS B 94 15.06 -13.16 7.08
C CYS B 94 14.57 -11.76 7.39
N ALA B 95 13.25 -11.54 7.30
CA ALA B 95 12.69 -10.24 7.62
C ALA B 95 12.97 -9.86 9.06
N LYS B 96 12.88 -10.83 9.98
CA LYS B 96 13.17 -10.57 11.38
C LYS B 96 14.62 -10.14 11.58
N LYS B 97 15.52 -10.60 10.72
CA LYS B 97 16.91 -10.19 10.84
C LYS B 97 17.14 -8.78 10.30
N ILE B 98 16.36 -8.39 9.28
CA ILE B 98 16.55 -7.08 8.67
C ILE B 98 16.17 -5.96 9.64
N VAL B 99 15.02 -6.09 10.31
CA VAL B 99 14.55 -5.02 11.19
C VAL B 99 15.24 -4.99 12.55
N SER B 100 15.96 -6.06 12.91
CA SER B 100 16.52 -6.18 14.25
C SER B 100 17.92 -5.60 14.38
N ASP B 101 18.36 -4.80 13.42
CA ASP B 101 19.67 -4.17 13.53
C ASP B 101 19.65 -2.96 14.47
N GLY B 102 18.47 -2.39 14.73
CA GLY B 102 18.36 -1.20 15.56
C GLY B 102 17.54 -0.12 14.89
N ASN B 103 17.76 0.09 13.59
CA ASN B 103 16.99 1.07 12.83
C ASN B 103 15.54 0.66 12.67
N GLY B 104 15.23 -0.63 12.79
CA GLY B 104 13.86 -1.06 12.94
C GLY B 104 13.09 -1.13 11.63
N MET B 105 11.80 -0.80 11.73
CA MET B 105 10.90 -0.91 10.58
C MET B 105 11.21 0.12 9.50
N ASN B 106 11.95 1.19 9.82
CA ASN B 106 12.26 2.21 8.84
C ASN B 106 13.10 1.67 7.69
N ALA B 107 13.72 0.50 7.87
CA ALA B 107 14.36 -0.18 6.76
C ALA B 107 13.36 -0.67 5.72
N TRP B 108 12.06 -0.69 6.04
CA TRP B 108 11.08 -1.24 5.11
C TRP B 108 10.50 -0.12 4.27
N VAL B 109 10.96 -0.05 3.00
CA VAL B 109 10.62 1.07 2.13
C VAL B 109 9.12 1.16 1.91
N ALA B 110 8.47 0.02 1.63
CA ALA B 110 7.03 0.06 1.36
C ALA B 110 6.24 0.37 2.62
N TRP B 111 6.66 -0.17 3.76
CA TRP B 111 6.02 0.18 5.03
C TRP B 111 6.21 1.65 5.35
N ARG B 112 7.42 2.17 5.12
CA ARG B 112 7.72 3.55 5.46
C ARG B 112 6.88 4.51 4.64
N ASN B 113 6.63 4.19 3.36
CA ASN B 113 5.94 5.10 2.47
C ASN B 113 4.43 4.91 2.43
N ARG B 114 3.91 3.75 2.83
CA ARG B 114 2.49 3.47 2.70
C ARG B 114 1.80 2.98 3.97
N CYS B 115 2.55 2.53 4.97
CA CYS B 115 1.97 2.02 6.21
C CYS B 115 2.24 2.92 7.40
N LYS B 116 3.48 3.39 7.54
CA LYS B 116 3.90 4.22 8.66
C LYS B 116 3.00 5.46 8.79
N GLY B 117 2.31 5.56 9.92
CA GLY B 117 1.45 6.69 10.18
C GLY B 117 -0.03 6.45 9.92
N THR B 118 -0.39 5.31 9.33
CA THR B 118 -1.78 4.96 9.09
C THR B 118 -2.25 4.00 10.18
N ASP B 119 -3.53 3.64 10.12
CA ASP B 119 -4.12 2.69 11.07
C ASP B 119 -3.78 1.28 10.62
N VAL B 120 -2.60 0.80 11.02
CA VAL B 120 -2.15 -0.52 10.59
C VAL B 120 -3.01 -1.64 11.16
N GLN B 121 -3.69 -1.40 12.28
CA GLN B 121 -4.56 -2.43 12.84
C GLN B 121 -5.68 -2.81 11.87
N ALA B 122 -5.98 -1.96 10.88
CA ALA B 122 -7.01 -2.29 9.91
C ALA B 122 -6.65 -3.49 9.07
N TRP B 123 -5.35 -3.77 8.91
CA TRP B 123 -4.93 -4.87 8.05
C TRP B 123 -5.23 -6.24 8.66
N ILE B 124 -5.45 -6.31 9.96
CA ILE B 124 -5.93 -7.52 10.62
C ILE B 124 -7.37 -7.40 11.07
N ARG B 125 -7.99 -6.25 10.85
CA ARG B 125 -9.39 -6.04 11.20
C ARG B 125 -10.29 -6.95 10.37
N GLY B 126 -11.21 -7.64 11.02
CA GLY B 126 -12.13 -8.52 10.33
C GLY B 126 -11.62 -9.93 10.11
N CYS B 127 -10.41 -10.25 10.55
CA CYS B 127 -9.89 -11.60 10.48
C CYS B 127 -10.10 -12.28 11.83
N ARG B 128 -10.57 -13.52 11.79
CA ARG B 128 -10.74 -14.31 13.01
C ARG B 128 -9.43 -15.02 13.30
N LEU B 129 -8.61 -14.41 14.15
CA LEU B 129 -7.29 -14.96 14.46
C LEU B 129 -7.30 -15.71 15.79
CL CL C . 10.22 -9.48 21.51
#